data_5BZ5
#
_entry.id   5BZ5
#
_cell.length_a   105.852
_cell.length_b   105.852
_cell.length_c   168.404
_cell.angle_alpha   90.00
_cell.angle_beta   90.00
_cell.angle_gamma   120.00
#
_symmetry.space_group_name_H-M   'P 61 2 2'
#
loop_
_entity.id
_entity.type
_entity.pdbx_description
1 polymer 'Suppressor protein MPT5'
2 polymer "RNA (5'-R(*UP*GP*UP*AP*AP*CP*UP*UP*UP*A)-3')"
3 water water
#
loop_
_entity_poly.entity_id
_entity_poly.type
_entity_poly.pdbx_seq_one_letter_code
_entity_poly.pdbx_strand_id
1 'polypeptide(L)'
;SMVEISALPLRDLDYIKLATDQFGCRFLQKKLETPSESNMVRDLMYEQIKPFFLDLILDPFGNYLVQKLCDYLTAEQKTL
LIQTIYPNVFQISINQYGTRSLQKIIDTVDNEVQIDLIIKGFSQEFTSIEQVVTLINDLNGNHVIQKCIFKFSPSKFGFI
IDAIVEQNNIITISTHKHGCCVLQKLLSVCTLQQIFKISVKIVQFLPGLINDQFGNYIIQFLLDIKELDFYLLAELFNRL
SNELCQLSCLKFSSNVVEKFIKKLFRIITGFIVNNNGGASQRTAVASDDVINASMNILLTTIDIFTVNLNVLIRDNFGNY
ALQTLLDVKNYSPLLAYNKNSNAIGQNSSSTLNYGNFCNDFSLKIGNLIVLTKELLPSIKTTSYAKKIKLKVKAYAEATG
;
A
2 'polyribonucleotide' UGUAACUUUUUA B
#
# COMPACT_ATOMS: atom_id res chain seq x y z
N VAL A 3 0.85 29.98 36.88
CA VAL A 3 1.30 31.36 36.96
C VAL A 3 0.24 32.26 37.60
N GLU A 4 0.07 33.46 37.06
CA GLU A 4 -0.97 34.37 37.53
C GLU A 4 -2.35 33.86 37.12
N ILE A 5 -2.38 32.99 36.12
CA ILE A 5 -3.61 32.36 35.65
C ILE A 5 -4.16 31.41 36.71
N SER A 6 -3.27 30.64 37.33
CA SER A 6 -3.67 29.62 38.29
C SER A 6 -4.16 30.16 39.63
N ALA A 7 -4.67 31.39 39.63
CA ALA A 7 -5.20 32.01 40.83
C ALA A 7 -6.67 32.41 40.61
N LEU A 8 -7.11 32.29 39.36
CA LEU A 8 -8.48 32.62 38.99
C LEU A 8 -9.36 31.39 38.96
N PRO A 9 -10.64 31.55 39.33
CA PRO A 9 -11.62 30.46 39.20
C PRO A 9 -11.74 30.03 37.75
N LEU A 10 -11.97 28.73 37.52
CA LEU A 10 -11.98 28.16 36.18
C LEU A 10 -13.02 28.79 35.26
N ARG A 11 -14.13 29.24 35.83
CA ARG A 11 -15.20 29.79 35.02
C ARG A 11 -14.91 31.21 34.53
N ASP A 12 -13.78 31.76 34.93
CA ASP A 12 -13.39 33.10 34.50
C ASP A 12 -12.21 33.07 33.55
N LEU A 13 -11.83 31.88 33.11
CA LEU A 13 -10.73 31.72 32.17
C LEU A 13 -11.21 31.95 30.75
N ASP A 14 -10.45 32.71 29.97
CA ASP A 14 -10.72 32.86 28.55
C ASP A 14 -10.08 31.67 27.85
N TYR A 15 -10.86 30.62 27.64
CA TYR A 15 -10.32 29.34 27.18
C TYR A 15 -9.82 29.35 25.74
N ILE A 16 -10.23 30.35 24.96
CA ILE A 16 -9.78 30.45 23.58
C ILE A 16 -8.35 30.98 23.52
N LYS A 17 -8.12 32.10 24.19
CA LYS A 17 -6.79 32.72 24.22
C LYS A 17 -5.73 31.80 24.82
N LEU A 18 -6.14 30.97 25.77
CA LEU A 18 -5.23 30.01 26.40
C LEU A 18 -4.89 28.87 25.44
N ALA A 19 -5.90 28.42 24.70
CA ALA A 19 -5.77 27.26 23.83
C ALA A 19 -4.80 27.50 22.68
N THR A 20 -4.72 28.75 22.23
CA THR A 20 -3.84 29.10 21.12
C THR A 20 -2.48 29.58 21.64
N ASP A 21 -2.29 29.47 22.95
CA ASP A 21 -1.05 29.89 23.58
C ASP A 21 -0.33 28.68 24.16
N GLN A 22 0.97 28.59 23.94
CA GLN A 22 1.76 27.45 24.40
C GLN A 22 1.65 27.24 25.90
N PHE A 23 1.87 28.31 26.67
CA PHE A 23 1.74 28.25 28.12
C PHE A 23 0.31 27.89 28.52
N GLY A 24 -0.65 28.56 27.89
CA GLY A 24 -2.06 28.33 28.19
C GLY A 24 -2.54 26.95 27.81
N CYS A 25 -2.09 26.46 26.66
CA CYS A 25 -2.51 25.14 26.19
C CYS A 25 -2.01 24.04 27.12
N ARG A 26 -0.75 24.12 27.52
CA ARG A 26 -0.17 23.16 28.45
C ARG A 26 -0.88 23.23 29.80
N PHE A 27 -1.33 24.42 30.15
CA PHE A 27 -2.07 24.64 31.39
C PHE A 27 -3.41 23.91 31.40
N LEU A 28 -4.13 23.98 30.29
CA LEU A 28 -5.44 23.36 30.19
C LEU A 28 -5.36 21.84 30.13
N GLN A 29 -4.34 21.33 29.45
CA GLN A 29 -4.13 19.89 29.35
C GLN A 29 -3.89 19.28 30.73
N LYS A 30 -3.01 19.92 31.49
CA LYS A 30 -2.66 19.43 32.82
C LYS A 30 -3.75 19.77 33.84
N LYS A 31 -4.76 20.50 33.38
CA LYS A 31 -5.94 20.76 34.22
C LYS A 31 -6.98 19.66 33.94
N LEU A 32 -7.02 19.19 32.71
CA LEU A 32 -7.85 18.05 32.34
C LEU A 32 -7.36 16.77 33.02
N GLU A 33 -6.07 16.73 33.30
CA GLU A 33 -5.46 15.60 33.97
C GLU A 33 -5.64 15.69 35.48
N THR A 34 -6.28 16.75 35.94
CA THR A 34 -6.56 16.90 37.37
C THR A 34 -8.00 16.50 37.68
N PRO A 35 -8.17 15.31 38.28
CA PRO A 35 -9.47 14.69 38.52
C PRO A 35 -10.47 15.60 39.24
N SER A 36 -9.98 16.50 40.07
CA SER A 36 -10.84 17.45 40.77
C SER A 36 -11.42 18.46 39.79
N GLU A 37 -10.64 18.79 38.77
CA GLU A 37 -11.02 19.83 37.82
C GLU A 37 -11.51 19.24 36.51
N SER A 38 -11.08 18.01 36.23
CA SER A 38 -11.24 17.38 34.92
C SER A 38 -12.59 17.61 34.23
N ASN A 39 -13.65 17.08 34.83
CA ASN A 39 -14.98 17.23 34.26
C ASN A 39 -15.40 18.69 34.11
N MET A 40 -15.02 19.51 35.07
CA MET A 40 -15.42 20.92 35.08
C MET A 40 -14.72 21.77 34.01
N VAL A 41 -13.39 21.67 33.93
CA VAL A 41 -12.67 22.43 32.91
C VAL A 41 -13.15 22.04 31.52
N ARG A 42 -13.28 20.74 31.32
CA ARG A 42 -13.78 20.19 30.07
C ARG A 42 -15.10 20.83 29.68
N ASP A 43 -16.06 20.83 30.59
CA ASP A 43 -17.37 21.41 30.32
C ASP A 43 -17.30 22.92 30.15
N LEU A 44 -16.44 23.58 30.93
CA LEU A 44 -16.24 25.02 30.78
C LEU A 44 -15.47 25.33 29.50
N MET A 45 -14.53 24.47 29.15
CA MET A 45 -13.73 24.62 27.94
C MET A 45 -14.58 24.40 26.71
N TYR A 46 -15.33 23.30 26.71
CA TYR A 46 -16.09 22.84 25.56
C TYR A 46 -17.07 23.90 25.05
N GLU A 47 -17.83 24.48 25.95
CA GLU A 47 -18.86 25.45 25.57
C GLU A 47 -18.29 26.74 24.97
N GLN A 48 -17.16 27.20 25.46
CA GLN A 48 -16.56 28.44 24.96
C GLN A 48 -15.82 28.25 23.64
N ILE A 49 -15.19 27.10 23.47
CA ILE A 49 -14.38 26.86 22.28
C ILE A 49 -15.16 26.18 21.17
N LYS A 50 -16.40 25.80 21.49
CA LYS A 50 -17.28 25.13 20.53
C LYS A 50 -17.41 25.80 19.15
N PRO A 51 -17.52 27.14 19.10
CA PRO A 51 -17.62 27.75 17.77
C PRO A 51 -16.24 27.94 17.10
N PHE A 52 -15.18 27.50 17.76
CA PHE A 52 -13.83 27.72 17.27
C PHE A 52 -13.10 26.40 17.05
N PHE A 53 -13.87 25.32 16.93
CA PHE A 53 -13.30 23.98 16.79
C PHE A 53 -12.36 23.85 15.60
N LEU A 54 -12.79 24.30 14.43
CA LEU A 54 -11.95 24.24 13.24
C LEU A 54 -10.69 25.07 13.41
N ASP A 55 -10.85 26.24 14.04
CA ASP A 55 -9.73 27.13 14.33
C ASP A 55 -8.68 26.47 15.25
N LEU A 56 -9.14 25.85 16.32
CA LEU A 56 -8.25 25.17 17.25
C LEU A 56 -7.59 23.95 16.63
N ILE A 57 -8.33 23.25 15.79
CA ILE A 57 -7.83 22.04 15.12
C ILE A 57 -6.63 22.34 14.23
N LEU A 58 -6.67 23.47 13.54
CA LEU A 58 -5.59 23.83 12.60
C LEU A 58 -4.50 24.65 13.29
N ASP A 59 -4.53 24.71 14.62
CA ASP A 59 -3.63 25.57 15.38
C ASP A 59 -2.40 24.85 15.92
N PRO A 60 -1.22 25.47 15.83
CA PRO A 60 0.05 24.94 16.31
C PRO A 60 -0.01 24.48 17.76
N PHE A 61 -0.76 25.19 18.59
CA PHE A 61 -0.91 24.80 19.99
C PHE A 61 -2.29 24.22 20.25
N GLY A 62 -3.29 24.79 19.58
CA GLY A 62 -4.67 24.36 19.74
C GLY A 62 -4.89 22.88 19.49
N ASN A 63 -4.19 22.34 18.48
CA ASN A 63 -4.35 20.93 18.13
C ASN A 63 -3.95 20.00 19.26
N TYR A 64 -2.99 20.43 20.07
CA TYR A 64 -2.56 19.66 21.23
C TYR A 64 -3.65 19.57 22.30
N LEU A 65 -4.42 20.65 22.45
CA LEU A 65 -5.55 20.65 23.37
C LEU A 65 -6.65 19.74 22.87
N VAL A 66 -6.99 19.88 21.58
CA VAL A 66 -8.03 19.07 20.96
C VAL A 66 -7.70 17.58 21.07
N GLN A 67 -6.45 17.21 20.81
CA GLN A 67 -6.03 15.82 20.96
C GLN A 67 -6.23 15.35 22.39
N LYS A 68 -5.75 16.13 23.35
CA LYS A 68 -5.89 15.77 24.76
C LYS A 68 -7.35 15.70 25.15
N LEU A 69 -8.14 16.60 24.58
CA LEU A 69 -9.56 16.71 24.92
C LEU A 69 -10.34 15.48 24.45
N CYS A 70 -9.79 14.76 23.47
CA CYS A 70 -10.45 13.58 22.93
C CYS A 70 -10.49 12.42 23.92
N ASP A 71 -9.62 12.47 24.93
CA ASP A 71 -9.57 11.40 25.92
C ASP A 71 -10.46 11.70 27.13
N TYR A 72 -11.26 12.75 27.04
CA TYR A 72 -12.09 13.17 28.17
C TYR A 72 -13.54 13.48 27.81
N LEU A 73 -13.76 13.85 26.55
CA LEU A 73 -15.11 14.20 26.08
C LEU A 73 -16.10 13.06 26.23
N THR A 74 -17.38 13.41 26.27
CA THR A 74 -18.45 12.41 26.27
C THR A 74 -18.84 12.12 24.83
N ALA A 75 -19.70 11.14 24.63
CA ALA A 75 -20.17 10.80 23.28
C ALA A 75 -20.86 11.98 22.63
N GLU A 76 -21.85 12.56 23.32
CA GLU A 76 -22.57 13.72 22.80
C GLU A 76 -21.64 14.89 22.53
N GLN A 77 -20.62 15.04 23.35
CA GLN A 77 -19.67 16.13 23.17
C GLN A 77 -18.84 15.89 21.91
N LYS A 78 -18.23 14.71 21.82
CA LYS A 78 -17.42 14.37 20.65
C LYS A 78 -18.26 14.32 19.38
N THR A 79 -19.53 13.91 19.52
CA THR A 79 -20.43 13.88 18.38
C THR A 79 -20.67 15.26 17.82
N LEU A 80 -20.99 16.20 18.71
CA LEU A 80 -21.27 17.56 18.31
C LEU A 80 -20.02 18.23 17.74
N LEU A 81 -18.86 17.84 18.25
CA LEU A 81 -17.59 18.34 17.70
C LEU A 81 -17.51 17.97 16.22
N ILE A 82 -17.69 16.70 15.92
CA ILE A 82 -17.61 16.18 14.56
C ILE A 82 -18.69 16.74 13.65
N GLN A 83 -19.87 16.99 14.22
CA GLN A 83 -20.95 17.64 13.46
C GLN A 83 -20.56 19.04 13.00
N THR A 84 -19.70 19.68 13.77
CA THR A 84 -19.29 21.04 13.45
C THR A 84 -18.22 21.05 12.35
N ILE A 85 -17.35 20.05 12.35
CA ILE A 85 -16.16 20.08 11.49
C ILE A 85 -16.10 19.05 10.37
N TYR A 86 -17.08 18.16 10.28
CA TYR A 86 -17.05 17.13 9.24
C TYR A 86 -17.01 17.63 7.78
N PRO A 87 -17.66 18.77 7.48
CA PRO A 87 -17.52 19.24 6.09
C PRO A 87 -16.14 19.80 5.74
N ASN A 88 -15.25 19.90 6.72
CA ASN A 88 -13.95 20.55 6.51
C ASN A 88 -12.79 19.58 6.59
N VAL A 89 -13.09 18.29 6.46
CA VAL A 89 -12.07 17.26 6.66
C VAL A 89 -10.90 17.34 5.67
N PHE A 90 -11.17 17.81 4.45
CA PHE A 90 -10.10 17.92 3.47
C PHE A 90 -9.08 18.97 3.89
N GLN A 91 -9.57 20.15 4.24
CA GLN A 91 -8.72 21.23 4.73
C GLN A 91 -7.97 20.80 5.97
N ILE A 92 -8.65 20.04 6.83
CA ILE A 92 -8.06 19.56 8.07
C ILE A 92 -6.92 18.57 7.81
N SER A 93 -7.19 17.61 6.92
CA SER A 93 -6.23 16.55 6.63
C SER A 93 -4.97 17.10 5.95
N ILE A 94 -5.16 18.05 5.06
CA ILE A 94 -4.06 18.71 4.34
C ILE A 94 -3.16 19.47 5.31
N ASN A 95 -3.77 20.02 6.36
CA ASN A 95 -3.06 20.88 7.31
C ASN A 95 -2.08 20.13 8.20
N GLN A 96 -0.92 20.75 8.43
CA GLN A 96 0.13 20.20 9.27
C GLN A 96 -0.32 19.85 10.67
N TYR A 97 -1.17 20.70 11.26
CA TYR A 97 -1.66 20.47 12.61
C TYR A 97 -3.02 19.78 12.60
N GLY A 98 -3.82 20.10 11.60
CA GLY A 98 -5.14 19.52 11.47
C GLY A 98 -5.11 18.01 11.35
N THR A 99 -4.12 17.50 10.62
CA THR A 99 -3.99 16.07 10.39
C THR A 99 -3.77 15.32 11.71
N ARG A 100 -3.04 15.93 12.64
CA ARG A 100 -2.77 15.32 13.94
C ARG A 100 -4.04 15.29 14.80
N SER A 101 -4.91 16.28 14.61
CA SER A 101 -6.17 16.36 15.33
C SER A 101 -7.17 15.32 14.83
N LEU A 102 -7.30 15.22 13.51
CA LEU A 102 -8.29 14.34 12.89
C LEU A 102 -7.98 12.86 13.16
N GLN A 103 -6.70 12.50 13.11
CA GLN A 103 -6.28 11.14 13.40
C GLN A 103 -6.67 10.75 14.82
N LYS A 104 -6.45 11.67 15.76
CA LYS A 104 -6.79 11.43 17.16
C LYS A 104 -8.31 11.32 17.33
N ILE A 105 -9.05 12.13 16.58
CA ILE A 105 -10.50 12.07 16.61
C ILE A 105 -10.98 10.73 16.07
N ILE A 106 -10.41 10.34 14.92
CA ILE A 106 -10.74 9.07 14.30
C ILE A 106 -10.36 7.92 15.23
N ASP A 107 -9.26 8.08 15.97
CA ASP A 107 -8.79 7.04 16.86
C ASP A 107 -9.65 6.89 18.12
N THR A 108 -10.39 7.93 18.48
CA THR A 108 -11.19 7.90 19.71
C THR A 108 -12.69 7.99 19.47
N VAL A 109 -13.15 7.52 18.32
CA VAL A 109 -14.56 7.55 17.98
C VAL A 109 -15.35 6.64 18.92
N ASP A 110 -16.58 7.05 19.25
CA ASP A 110 -17.39 6.30 20.21
C ASP A 110 -18.40 5.37 19.53
N ASN A 111 -18.86 5.75 18.35
CA ASN A 111 -19.92 4.99 17.68
C ASN A 111 -20.00 5.27 16.18
N GLU A 112 -20.88 4.54 15.50
CA GLU A 112 -21.02 4.68 14.04
C GLU A 112 -21.53 6.05 13.61
N VAL A 113 -22.41 6.63 14.42
CA VAL A 113 -22.93 7.97 14.14
C VAL A 113 -21.77 8.93 13.91
N GLN A 114 -20.77 8.85 14.78
CA GLN A 114 -19.58 9.67 14.63
C GLN A 114 -18.77 9.26 13.40
N ILE A 115 -18.64 7.95 13.19
CA ILE A 115 -17.90 7.43 12.04
C ILE A 115 -18.53 7.86 10.73
N ASP A 116 -19.83 7.67 10.61
CA ASP A 116 -20.54 7.99 9.37
C ASP A 116 -20.49 9.48 9.04
N LEU A 117 -20.45 10.32 10.07
CA LEU A 117 -20.33 11.76 9.86
C LEU A 117 -18.98 12.07 9.22
N ILE A 118 -17.94 11.40 9.71
CA ILE A 118 -16.60 11.57 9.15
C ILE A 118 -16.56 11.11 7.71
N ILE A 119 -17.14 9.94 7.44
CA ILE A 119 -17.22 9.44 6.07
C ILE A 119 -18.07 10.36 5.19
N LYS A 120 -19.14 10.90 5.76
CA LYS A 120 -20.00 11.83 5.03
C LYS A 120 -19.21 13.05 4.55
N GLY A 121 -18.24 13.48 5.35
CA GLY A 121 -17.39 14.60 4.99
C GLY A 121 -16.41 14.25 3.89
N PHE A 122 -16.04 12.98 3.81
CA PHE A 122 -15.12 12.51 2.79
C PHE A 122 -15.84 12.17 1.48
N SER A 123 -17.17 12.25 1.50
CA SER A 123 -17.96 11.95 0.31
C SER A 123 -17.88 13.12 -0.68
N GLN A 124 -18.45 12.92 -1.87
CA GLN A 124 -18.35 13.93 -2.92
C GLN A 124 -19.19 15.16 -2.64
N GLU A 125 -19.96 15.11 -1.55
CA GLU A 125 -20.78 16.24 -1.16
C GLU A 125 -19.92 17.36 -0.59
N PHE A 126 -18.79 17.00 0.00
CA PHE A 126 -17.90 17.99 0.61
C PHE A 126 -16.45 17.84 0.17
N THR A 127 -16.14 16.70 -0.44
CA THR A 127 -14.77 16.42 -0.89
C THR A 127 -14.78 15.73 -2.25
N SER A 128 -14.26 16.43 -3.27
CA SER A 128 -14.23 15.89 -4.63
C SER A 128 -13.22 14.76 -4.76
N ILE A 129 -13.36 13.97 -5.83
CA ILE A 129 -12.44 12.87 -6.10
C ILE A 129 -11.00 13.36 -6.21
N GLU A 130 -10.81 14.49 -6.89
CA GLU A 130 -9.47 15.03 -7.07
C GLU A 130 -8.86 15.52 -5.76
N GLN A 131 -9.72 15.74 -4.76
CA GLN A 131 -9.24 16.11 -3.43
C GLN A 131 -8.86 14.86 -2.62
N VAL A 132 -9.62 13.79 -2.80
CA VAL A 132 -9.28 12.51 -2.19
C VAL A 132 -7.94 12.02 -2.72
N VAL A 133 -7.77 12.08 -4.04
CA VAL A 133 -6.51 11.70 -4.68
C VAL A 133 -5.37 12.54 -4.13
N THR A 134 -5.65 13.83 -3.93
CA THR A 134 -4.69 14.74 -3.33
C THR A 134 -4.29 14.26 -1.93
N LEU A 135 -5.29 13.94 -1.10
CA LEU A 135 -5.05 13.49 0.27
C LEU A 135 -4.19 12.23 0.32
N ILE A 136 -4.47 11.29 -0.59
CA ILE A 136 -3.72 10.04 -0.66
C ILE A 136 -2.25 10.30 -0.96
N ASN A 137 -1.98 11.24 -1.87
CA ASN A 137 -0.60 11.58 -2.21
C ASN A 137 0.00 12.67 -1.33
N ASP A 138 -0.77 13.15 -0.35
CA ASP A 138 -0.31 14.28 0.44
C ASP A 138 0.56 13.88 1.65
N LEU A 139 1.59 14.68 1.90
CA LEU A 139 2.51 14.47 3.00
C LEU A 139 1.79 14.25 4.35
N ASN A 140 0.73 15.02 4.58
CA ASN A 140 -0.01 14.95 5.84
C ASN A 140 -1.33 14.19 5.74
N GLY A 141 -2.04 14.41 4.65
CA GLY A 141 -3.36 13.82 4.46
C GLY A 141 -3.35 12.30 4.38
N ASN A 142 -2.26 11.73 3.89
CA ASN A 142 -2.19 10.28 3.71
C ASN A 142 -2.22 9.55 5.05
N HIS A 143 -1.82 10.25 6.11
CA HIS A 143 -1.85 9.66 7.44
C HIS A 143 -3.26 9.68 8.03
N VAL A 144 -4.16 10.42 7.39
CA VAL A 144 -5.57 10.40 7.77
C VAL A 144 -6.27 9.27 7.03
N ILE A 145 -5.93 9.10 5.75
CA ILE A 145 -6.46 8.01 4.95
C ILE A 145 -6.04 6.67 5.54
N GLN A 146 -4.80 6.59 6.00
CA GLN A 146 -4.31 5.38 6.65
C GLN A 146 -5.09 5.10 7.93
N LYS A 147 -5.32 6.14 8.73
CA LYS A 147 -6.04 6.01 9.98
C LYS A 147 -7.46 5.52 9.74
N CYS A 148 -8.06 5.96 8.63
CA CYS A 148 -9.38 5.49 8.24
C CYS A 148 -9.31 4.01 7.86
N ILE A 149 -8.26 3.67 7.12
CA ILE A 149 -8.06 2.30 6.65
C ILE A 149 -7.87 1.32 7.81
N PHE A 150 -7.20 1.77 8.87
CA PHE A 150 -6.94 0.90 10.02
C PHE A 150 -8.00 0.94 11.12
N LYS A 151 -8.78 2.01 11.19
CA LYS A 151 -9.77 2.16 12.26
C LYS A 151 -11.18 1.78 11.79
N PHE A 152 -11.58 2.29 10.64
CA PHE A 152 -12.92 2.05 10.14
C PHE A 152 -13.02 0.72 9.39
N SER A 153 -14.23 0.25 9.17
CA SER A 153 -14.48 -0.98 8.44
C SER A 153 -14.49 -0.72 6.93
N PRO A 154 -14.04 -1.71 6.16
CA PRO A 154 -13.96 -1.62 4.69
C PRO A 154 -15.28 -1.21 4.03
N SER A 155 -16.40 -1.42 4.73
CA SER A 155 -17.71 -1.00 4.24
C SER A 155 -17.80 0.51 4.10
N LYS A 156 -16.83 1.22 4.69
CA LYS A 156 -16.80 2.68 4.66
C LYS A 156 -15.76 3.21 3.67
N PHE A 157 -15.04 2.30 3.00
CA PHE A 157 -13.92 2.69 2.15
C PHE A 157 -14.36 3.23 0.78
N GLY A 158 -15.66 3.44 0.63
CA GLY A 158 -16.24 3.86 -0.64
C GLY A 158 -15.56 5.03 -1.32
N PHE A 159 -15.36 6.14 -0.60
CA PHE A 159 -14.78 7.34 -1.20
C PHE A 159 -13.34 7.11 -1.66
N ILE A 160 -12.65 6.21 -0.98
CA ILE A 160 -11.28 5.88 -1.34
C ILE A 160 -11.26 5.04 -2.63
N ILE A 161 -12.08 3.98 -2.65
CA ILE A 161 -12.18 3.11 -3.81
C ILE A 161 -12.65 3.88 -5.05
N ASP A 162 -13.65 4.73 -4.86
CA ASP A 162 -14.18 5.54 -5.95
C ASP A 162 -13.12 6.44 -6.58
N ALA A 163 -12.22 6.95 -5.74
CA ALA A 163 -11.20 7.86 -6.21
C ALA A 163 -10.12 7.17 -7.03
N ILE A 164 -9.78 5.94 -6.64
CA ILE A 164 -8.73 5.18 -7.32
C ILE A 164 -9.17 4.70 -8.70
N VAL A 165 -10.37 4.13 -8.79
CA VAL A 165 -10.85 3.56 -10.05
C VAL A 165 -11.30 4.62 -11.05
N GLU A 166 -11.26 5.88 -10.65
CA GLU A 166 -11.71 6.97 -11.52
C GLU A 166 -10.67 7.30 -12.57
N GLN A 167 -11.06 7.16 -13.84
CA GLN A 167 -10.19 7.40 -14.98
C GLN A 167 -8.84 6.72 -14.81
N ASN A 168 -7.78 7.52 -14.84
CA ASN A 168 -6.43 6.99 -14.70
C ASN A 168 -5.77 7.33 -13.37
N ASN A 169 -6.58 7.57 -12.34
CA ASN A 169 -6.05 7.93 -11.03
C ASN A 169 -5.20 6.82 -10.40
N ILE A 170 -5.35 5.60 -10.90
CA ILE A 170 -4.52 4.49 -10.43
C ILE A 170 -3.04 4.76 -10.73
N ILE A 171 -2.77 5.45 -11.83
CA ILE A 171 -1.39 5.80 -12.16
C ILE A 171 -0.87 6.90 -11.25
N THR A 172 -1.68 7.95 -11.11
CA THR A 172 -1.35 9.09 -10.25
C THR A 172 -1.01 8.66 -8.82
N ILE A 173 -1.71 7.64 -8.35
CA ILE A 173 -1.52 7.16 -6.98
C ILE A 173 -0.38 6.14 -6.87
N SER A 174 -0.42 5.10 -7.70
CA SER A 174 0.59 4.04 -7.63
C SER A 174 2.00 4.53 -7.92
N THR A 175 2.14 5.49 -8.81
CA THR A 175 3.46 6.00 -9.17
C THR A 175 3.92 7.11 -8.25
N HIS A 176 3.19 7.32 -7.16
CA HIS A 176 3.54 8.34 -6.19
C HIS A 176 4.08 7.72 -4.90
N LYS A 177 5.07 8.39 -4.31
CA LYS A 177 5.71 7.93 -3.07
C LYS A 177 4.73 7.66 -1.93
N HIS A 178 3.88 8.64 -1.62
CA HIS A 178 2.91 8.47 -0.55
C HIS A 178 1.74 7.59 -1.00
N GLY A 179 1.33 7.77 -2.25
CA GLY A 179 0.19 7.05 -2.78
C GLY A 179 0.35 5.55 -2.86
N CYS A 180 1.54 5.10 -3.25
CA CYS A 180 1.79 3.67 -3.38
C CYS A 180 1.74 3.00 -2.01
N CYS A 181 2.15 3.72 -0.98
CA CYS A 181 2.09 3.19 0.38
C CYS A 181 0.66 2.99 0.84
N VAL A 182 -0.16 4.03 0.70
CA VAL A 182 -1.55 3.97 1.13
C VAL A 182 -2.28 2.87 0.38
N LEU A 183 -2.01 2.77 -0.91
CA LEU A 183 -2.61 1.76 -1.76
C LEU A 183 -2.27 0.34 -1.28
N GLN A 184 -1.07 0.18 -0.73
CA GLN A 184 -0.68 -1.12 -0.19
C GLN A 184 -1.29 -1.36 1.18
N LYS A 185 -1.50 -0.28 1.92
CA LYS A 185 -2.16 -0.35 3.22
C LYS A 185 -3.64 -0.71 3.04
N LEU A 186 -4.22 -0.23 1.94
CA LEU A 186 -5.62 -0.49 1.64
C LEU A 186 -5.84 -1.96 1.28
N LEU A 187 -5.05 -2.47 0.34
CA LEU A 187 -5.21 -3.83 -0.16
C LEU A 187 -4.97 -4.88 0.94
N SER A 188 -4.35 -4.45 2.04
CA SER A 188 -4.05 -5.35 3.14
CA SER A 188 -4.05 -5.36 3.15
C SER A 188 -5.29 -5.64 4.00
N VAL A 189 -6.28 -4.76 3.93
CA VAL A 189 -7.49 -4.91 4.73
C VAL A 189 -8.79 -4.85 3.91
N CYS A 190 -8.68 -4.45 2.65
CA CYS A 190 -9.82 -4.35 1.75
C CYS A 190 -10.57 -5.67 1.60
N THR A 191 -11.79 -5.58 1.08
CA THR A 191 -12.57 -6.77 0.75
C THR A 191 -12.17 -7.26 -0.64
N LEU A 192 -12.45 -8.53 -0.93
CA LEU A 192 -12.07 -9.12 -2.21
C LEU A 192 -12.66 -8.39 -3.42
N GLN A 193 -13.92 -7.97 -3.29
CA GLN A 193 -14.57 -7.26 -4.38
C GLN A 193 -13.99 -5.86 -4.59
N GLN A 194 -13.49 -5.26 -3.51
CA GLN A 194 -12.83 -3.97 -3.63
C GLN A 194 -11.45 -4.12 -4.26
N ILE A 195 -10.77 -5.21 -3.94
CA ILE A 195 -9.48 -5.53 -4.54
C ILE A 195 -9.62 -5.74 -6.05
N PHE A 196 -10.65 -6.49 -6.44
CA PHE A 196 -10.91 -6.72 -7.86
C PHE A 196 -11.13 -5.42 -8.60
N LYS A 197 -11.98 -4.57 -8.02
CA LYS A 197 -12.34 -3.29 -8.61
C LYS A 197 -11.09 -2.45 -8.89
N ILE A 198 -10.08 -2.60 -8.04
CA ILE A 198 -8.82 -1.90 -8.21
C ILE A 198 -7.90 -2.66 -9.18
N SER A 199 -7.92 -3.99 -9.07
CA SER A 199 -7.08 -4.84 -9.92
C SER A 199 -7.38 -4.67 -11.40
N VAL A 200 -8.62 -4.32 -11.72
CA VAL A 200 -9.00 -4.07 -13.10
C VAL A 200 -8.31 -2.82 -13.63
N LYS A 201 -8.27 -1.78 -12.80
CA LYS A 201 -7.67 -0.51 -13.21
C LYS A 201 -6.15 -0.62 -13.31
N ILE A 202 -5.55 -1.46 -12.47
CA ILE A 202 -4.11 -1.69 -12.49
C ILE A 202 -3.68 -2.38 -13.77
N VAL A 203 -4.37 -3.46 -14.13
CA VAL A 203 -4.06 -4.19 -15.35
C VAL A 203 -4.30 -3.32 -16.59
N GLN A 204 -5.39 -2.57 -16.56
CA GLN A 204 -5.73 -1.66 -17.63
C GLN A 204 -4.61 -0.66 -17.89
N PHE A 205 -3.93 -0.24 -16.83
CA PHE A 205 -2.81 0.71 -16.97
C PHE A 205 -1.48 0.08 -16.60
N LEU A 206 -1.38 -1.23 -16.80
CA LEU A 206 -0.16 -1.99 -16.48
C LEU A 206 1.17 -1.45 -17.03
N PRO A 207 1.21 -1.02 -18.31
CA PRO A 207 2.49 -0.52 -18.83
C PRO A 207 3.03 0.71 -18.10
N GLY A 208 2.14 1.47 -17.45
CA GLY A 208 2.56 2.69 -16.78
C GLY A 208 2.95 2.48 -15.33
N LEU A 209 2.82 1.24 -14.87
CA LEU A 209 3.10 0.93 -13.47
C LEU A 209 4.26 -0.06 -13.32
N ILE A 210 4.35 -1.00 -14.24
CA ILE A 210 5.27 -2.13 -14.09
C ILE A 210 6.76 -1.76 -14.03
N ASN A 211 7.16 -0.68 -14.71
CA ASN A 211 8.54 -0.23 -14.64
C ASN A 211 8.69 1.05 -13.83
N ASP A 212 7.61 1.49 -13.20
CA ASP A 212 7.66 2.67 -12.35
C ASP A 212 8.42 2.34 -11.06
N GLN A 213 9.10 3.32 -10.50
CA GLN A 213 9.91 3.12 -9.30
C GLN A 213 9.07 2.66 -8.12
N PHE A 214 7.80 3.03 -8.10
CA PHE A 214 6.89 2.61 -7.03
C PHE A 214 5.85 1.63 -7.56
N GLY A 215 5.36 1.87 -8.77
CA GLY A 215 4.33 1.05 -9.37
C GLY A 215 4.63 -0.43 -9.40
N ASN A 216 5.91 -0.77 -9.59
CA ASN A 216 6.34 -2.17 -9.63
C ASN A 216 6.08 -2.88 -8.30
N TYR A 217 6.07 -2.12 -7.21
CA TYR A 217 5.77 -2.68 -5.90
C TYR A 217 4.29 -3.01 -5.74
N ILE A 218 3.45 -2.29 -6.47
CA ILE A 218 2.02 -2.57 -6.45
C ILE A 218 1.72 -3.88 -7.19
N ILE A 219 2.40 -4.08 -8.31
CA ILE A 219 2.24 -5.31 -9.09
C ILE A 219 2.69 -6.50 -8.26
N GLN A 220 3.81 -6.35 -7.56
CA GLN A 220 4.36 -7.42 -6.74
C GLN A 220 3.49 -7.70 -5.52
N PHE A 221 2.80 -6.67 -5.03
CA PHE A 221 1.92 -6.84 -3.88
C PHE A 221 0.72 -7.68 -4.28
N LEU A 222 0.29 -7.51 -5.53
CA LEU A 222 -0.84 -8.26 -6.07
C LEU A 222 -0.49 -9.72 -6.24
N LEU A 223 0.80 -10.00 -6.40
CA LEU A 223 1.28 -11.37 -6.61
C LEU A 223 1.35 -12.16 -5.30
N ASP A 224 1.06 -11.50 -4.19
CA ASP A 224 1.04 -12.18 -2.89
C ASP A 224 -0.38 -12.49 -2.45
N ILE A 225 -1.34 -11.77 -3.02
CA ILE A 225 -2.75 -12.04 -2.75
C ILE A 225 -3.17 -13.34 -3.43
N LYS A 226 -3.14 -14.43 -2.67
CA LYS A 226 -3.43 -15.77 -3.20
C LYS A 226 -4.81 -15.85 -3.84
N GLU A 227 -5.76 -15.09 -3.33
CA GLU A 227 -7.12 -15.08 -3.87
C GLU A 227 -7.21 -14.25 -5.14
N LEU A 228 -6.20 -14.37 -6.00
CA LEU A 228 -6.16 -13.62 -7.25
C LEU A 228 -5.53 -14.45 -8.37
N ASP A 229 -4.86 -15.53 -7.98
CA ASP A 229 -4.13 -16.38 -8.92
C ASP A 229 -5.01 -16.94 -10.03
N PHE A 230 -6.30 -17.11 -9.73
CA PHE A 230 -7.24 -17.68 -10.70
C PHE A 230 -7.51 -16.76 -11.88
N TYR A 231 -6.93 -15.56 -11.84
CA TYR A 231 -7.24 -14.55 -12.83
C TYR A 231 -6.04 -13.68 -13.17
N LEU A 232 -5.21 -13.40 -12.16
CA LEU A 232 -4.11 -12.45 -12.30
C LEU A 232 -2.91 -13.00 -13.08
N LEU A 233 -2.70 -14.30 -13.02
CA LEU A 233 -1.56 -14.92 -13.71
C LEU A 233 -1.73 -14.86 -15.22
N ALA A 234 -2.92 -15.23 -15.69
CA ALA A 234 -3.22 -15.20 -17.12
C ALA A 234 -3.27 -13.76 -17.64
N GLU A 235 -3.93 -12.89 -16.89
CA GLU A 235 -4.07 -11.48 -17.26
C GLU A 235 -2.72 -10.81 -17.50
N LEU A 236 -1.83 -10.91 -16.52
CA LEU A 236 -0.51 -10.29 -16.62
C LEU A 236 0.30 -10.84 -17.79
N PHE A 237 0.48 -12.15 -17.80
CA PHE A 237 1.34 -12.78 -18.80
C PHE A 237 0.87 -12.48 -20.22
N ASN A 238 -0.44 -12.47 -20.43
CA ASN A 238 -0.99 -12.16 -21.75
C ASN A 238 -0.78 -10.70 -22.13
N ARG A 239 -0.52 -9.88 -21.12
CA ARG A 239 -0.32 -8.45 -21.31
C ARG A 239 1.16 -8.11 -21.41
N LEU A 240 2.02 -9.07 -21.10
CA LEU A 240 3.45 -8.79 -20.97
C LEU A 240 4.37 -9.75 -21.74
N SER A 241 3.82 -10.86 -22.21
CA SER A 241 4.62 -11.90 -22.85
C SER A 241 5.51 -11.40 -24.00
N ASN A 242 4.93 -10.57 -24.87
CA ASN A 242 5.66 -10.02 -26.01
C ASN A 242 6.80 -9.10 -25.58
N GLU A 243 6.65 -8.48 -24.42
CA GLU A 243 7.65 -7.55 -23.92
C GLU A 243 8.40 -8.13 -22.73
N LEU A 244 8.27 -9.44 -22.54
CA LEU A 244 8.82 -10.10 -21.36
C LEU A 244 10.34 -9.95 -21.24
N CYS A 245 11.04 -10.01 -22.37
CA CYS A 245 12.48 -9.83 -22.36
C CYS A 245 12.85 -8.39 -22.03
N GLN A 246 12.15 -7.45 -22.66
CA GLN A 246 12.37 -6.03 -22.41
C GLN A 246 12.16 -5.69 -20.94
N LEU A 247 11.10 -6.23 -20.35
CA LEU A 247 10.77 -5.97 -18.95
C LEU A 247 11.77 -6.59 -18.00
N SER A 248 12.38 -7.69 -18.42
CA SER A 248 13.37 -8.38 -17.61
C SER A 248 14.69 -7.61 -17.60
N CYS A 249 14.87 -6.74 -18.58
CA CYS A 249 16.11 -5.99 -18.72
C CYS A 249 15.98 -4.55 -18.21
N LEU A 250 14.85 -4.25 -17.58
CA LEU A 250 14.63 -2.94 -16.99
C LEU A 250 14.88 -2.99 -15.49
N LYS A 251 15.32 -1.86 -14.93
CA LYS A 251 15.70 -1.80 -13.52
C LYS A 251 14.58 -2.20 -12.55
N PHE A 252 13.39 -1.67 -12.76
CA PHE A 252 12.30 -1.88 -11.82
C PHE A 252 11.43 -3.10 -12.15
N SER A 253 11.05 -3.24 -13.42
CA SER A 253 10.15 -4.33 -13.82
C SER A 253 10.80 -5.72 -13.72
N SER A 254 12.12 -5.78 -13.69
CA SER A 254 12.81 -7.06 -13.57
C SER A 254 12.48 -7.78 -12.26
N ASN A 255 12.27 -7.01 -11.20
CA ASN A 255 11.90 -7.59 -9.90
C ASN A 255 10.51 -8.21 -9.94
N VAL A 256 9.62 -7.59 -10.71
CA VAL A 256 8.28 -8.14 -10.93
C VAL A 256 8.38 -9.49 -11.65
N VAL A 257 9.19 -9.54 -12.70
CA VAL A 257 9.41 -10.78 -13.45
C VAL A 257 9.91 -11.90 -12.54
N GLU A 258 10.94 -11.60 -11.75
CA GLU A 258 11.47 -12.55 -10.77
C GLU A 258 10.38 -12.98 -9.79
N LYS A 259 9.59 -12.03 -9.33
CA LYS A 259 8.51 -12.33 -8.41
C LYS A 259 7.50 -13.25 -9.09
N PHE A 260 7.21 -12.94 -10.35
CA PHE A 260 6.27 -13.73 -11.16
C PHE A 260 6.74 -15.17 -11.33
N ILE A 261 7.99 -15.33 -11.74
CA ILE A 261 8.58 -16.65 -11.90
C ILE A 261 8.56 -17.45 -10.59
N LYS A 262 8.99 -16.82 -9.50
CA LYS A 262 8.98 -17.47 -8.21
C LYS A 262 7.58 -17.94 -7.83
N LYS A 263 6.58 -17.14 -8.16
CA LYS A 263 5.19 -17.47 -7.87
C LYS A 263 4.74 -18.69 -8.68
N LEU A 264 5.18 -18.79 -9.93
CA LEU A 264 4.86 -19.93 -10.78
C LEU A 264 5.43 -21.22 -10.18
N PHE A 265 6.63 -21.12 -9.63
CA PHE A 265 7.29 -22.29 -9.04
C PHE A 265 6.61 -22.75 -7.75
N ARG A 266 6.33 -21.81 -6.86
CA ARG A 266 5.73 -22.15 -5.56
C ARG A 266 4.35 -22.78 -5.68
N ILE A 267 3.70 -22.58 -6.82
CA ILE A 267 2.39 -23.18 -7.07
C ILE A 267 2.51 -24.61 -7.57
N ILE A 268 3.34 -24.79 -8.60
CA ILE A 268 3.54 -26.10 -9.19
C ILE A 268 4.27 -27.05 -8.23
N THR A 269 5.10 -26.47 -7.36
CA THR A 269 5.82 -27.27 -6.38
C THR A 269 4.90 -27.65 -5.22
N GLY A 270 3.88 -26.83 -4.98
CA GLY A 270 2.93 -27.09 -3.90
C GLY A 270 2.00 -28.22 -4.27
N PHE A 271 1.79 -28.40 -5.57
CA PHE A 271 0.96 -29.49 -6.07
C PHE A 271 1.63 -30.83 -5.78
N ILE A 272 2.94 -30.89 -5.98
CA ILE A 272 3.71 -32.11 -5.77
C ILE A 272 4.24 -32.20 -4.33
N ALA A 286 -3.58 -25.20 -4.70
CA ALA A 286 -4.30 -24.06 -5.29
C ALA A 286 -5.54 -24.52 -6.04
N SER A 287 -5.37 -24.77 -7.34
CA SER A 287 -6.48 -25.22 -8.18
C SER A 287 -5.94 -25.77 -9.50
N ASP A 288 -6.62 -26.78 -10.02
CA ASP A 288 -6.16 -27.43 -11.25
C ASP A 288 -6.29 -26.51 -12.47
N ASP A 289 -7.11 -25.47 -12.35
CA ASP A 289 -7.21 -24.45 -13.38
C ASP A 289 -5.99 -23.52 -13.29
N VAL A 290 -5.72 -23.07 -12.08
CA VAL A 290 -4.57 -22.21 -11.80
C VAL A 290 -3.25 -22.93 -12.12
N ILE A 291 -3.14 -24.16 -11.63
CA ILE A 291 -1.93 -24.96 -11.81
C ILE A 291 -1.62 -25.21 -13.29
N ASN A 292 -2.62 -25.69 -14.02
CA ASN A 292 -2.44 -25.98 -15.44
C ASN A 292 -2.04 -24.72 -16.20
N ALA A 293 -2.58 -23.59 -15.77
CA ALA A 293 -2.23 -22.30 -16.36
C ALA A 293 -0.81 -21.93 -15.97
N SER A 294 -0.47 -22.16 -14.71
CA SER A 294 0.87 -21.87 -14.21
C SER A 294 1.90 -22.67 -14.97
N MET A 295 1.58 -23.93 -15.25
CA MET A 295 2.48 -24.81 -15.99
C MET A 295 2.66 -24.31 -17.42
N ASN A 296 1.57 -23.93 -18.06
CA ASN A 296 1.64 -23.44 -19.43
C ASN A 296 2.42 -22.13 -19.57
N ILE A 297 2.29 -21.26 -18.57
CA ILE A 297 3.02 -19.99 -18.56
C ILE A 297 4.51 -20.23 -18.35
N LEU A 298 4.82 -21.07 -17.37
CA LEU A 298 6.20 -21.39 -17.04
C LEU A 298 6.94 -21.95 -18.24
N LEU A 299 6.33 -22.94 -18.90
CA LEU A 299 6.91 -23.53 -20.10
C LEU A 299 7.13 -22.48 -21.17
N THR A 300 6.15 -21.59 -21.33
CA THR A 300 6.24 -20.49 -22.29
C THR A 300 7.34 -19.50 -21.89
N THR A 301 7.49 -19.30 -20.58
CA THR A 301 8.51 -18.39 -20.07
C THR A 301 9.91 -18.92 -20.36
N ILE A 302 10.10 -20.22 -20.14
CA ILE A 302 11.38 -20.87 -20.44
C ILE A 302 11.69 -20.79 -21.93
N ASP A 303 10.65 -20.89 -22.76
CA ASP A 303 10.82 -20.73 -24.19
C ASP A 303 11.31 -19.34 -24.54
N ILE A 304 10.74 -18.33 -23.88
CA ILE A 304 11.13 -16.95 -24.12
C ILE A 304 12.57 -16.68 -23.66
N PHE A 305 12.92 -17.23 -22.51
CA PHE A 305 14.25 -17.01 -21.95
C PHE A 305 15.36 -17.74 -22.71
N THR A 306 15.01 -18.81 -23.43
CA THR A 306 15.99 -19.50 -24.26
C THR A 306 16.29 -18.72 -25.53
N VAL A 307 15.23 -18.17 -26.12
CA VAL A 307 15.35 -17.39 -27.34
C VAL A 307 16.19 -16.13 -27.11
N ASN A 308 15.96 -15.48 -25.97
CA ASN A 308 16.67 -14.25 -25.66
C ASN A 308 17.81 -14.44 -24.65
N LEU A 309 18.27 -15.70 -24.53
CA LEU A 309 19.32 -16.04 -23.58
C LEU A 309 20.58 -15.22 -23.81
N ASN A 310 20.93 -15.00 -25.07
CA ASN A 310 22.08 -14.20 -25.45
C ASN A 310 22.05 -12.80 -24.84
N VAL A 311 20.86 -12.21 -24.76
CA VAL A 311 20.70 -10.86 -24.25
C VAL A 311 20.57 -10.85 -22.73
N LEU A 312 19.75 -11.76 -22.20
CA LEU A 312 19.47 -11.82 -20.76
C LEU A 312 20.72 -12.07 -19.92
N ILE A 313 21.59 -12.93 -20.39
CA ILE A 313 22.76 -13.33 -19.62
C ILE A 313 23.78 -12.19 -19.52
N ARG A 314 23.65 -11.20 -20.39
CA ARG A 314 24.63 -10.12 -20.46
C ARG A 314 24.07 -8.79 -19.93
N ASP A 315 22.76 -8.73 -19.74
CA ASP A 315 22.12 -7.50 -19.27
C ASP A 315 22.33 -7.30 -17.77
N ASN A 316 22.35 -6.04 -17.34
CA ASN A 316 22.59 -5.71 -15.94
C ASN A 316 21.42 -6.06 -15.02
N PHE A 317 20.26 -6.34 -15.61
CA PHE A 317 19.09 -6.70 -14.84
C PHE A 317 18.51 -8.04 -15.31
N GLY A 318 18.68 -8.32 -16.59
CA GLY A 318 18.20 -9.55 -17.18
C GLY A 318 18.80 -10.79 -16.53
N ASN A 319 20.06 -10.70 -16.13
CA ASN A 319 20.76 -11.83 -15.55
C ASN A 319 20.14 -12.33 -14.24
N TYR A 320 19.56 -11.40 -13.48
CA TYR A 320 18.92 -11.78 -12.22
C TYR A 320 17.67 -12.63 -12.47
N ALA A 321 16.89 -12.23 -13.47
CA ALA A 321 15.71 -13.00 -13.87
C ALA A 321 16.11 -14.37 -14.42
N LEU A 322 17.20 -14.39 -15.17
CA LEU A 322 17.71 -15.64 -15.73
C LEU A 322 18.17 -16.59 -14.62
N GLN A 323 18.90 -16.05 -13.64
CA GLN A 323 19.36 -16.83 -12.50
C GLN A 323 18.20 -17.37 -11.67
N THR A 324 17.15 -16.55 -11.54
CA THR A 324 15.96 -16.95 -10.81
C THR A 324 15.32 -18.14 -11.48
N LEU A 325 15.31 -18.11 -12.82
CA LEU A 325 14.72 -19.19 -13.60
C LEU A 325 15.59 -20.44 -13.57
N LEU A 326 16.91 -20.24 -13.47
CA LEU A 326 17.84 -21.36 -13.52
C LEU A 326 18.13 -21.99 -12.17
N ASP A 327 17.69 -21.33 -11.10
CA ASP A 327 17.99 -21.79 -9.75
C ASP A 327 17.22 -23.08 -9.42
N VAL A 328 17.96 -24.19 -9.36
CA VAL A 328 17.35 -25.50 -9.11
C VAL A 328 16.78 -25.58 -7.70
N LYS A 329 17.15 -24.63 -6.86
CA LYS A 329 16.62 -24.53 -5.51
C LYS A 329 15.11 -24.29 -5.55
N ASN A 330 14.64 -23.79 -6.69
CA ASN A 330 13.23 -23.43 -6.85
C ASN A 330 12.38 -24.49 -7.55
N TYR A 331 13.02 -25.42 -8.25
CA TYR A 331 12.28 -26.44 -8.98
C TYR A 331 12.82 -27.86 -8.84
N SER A 332 13.54 -28.12 -7.76
CA SER A 332 14.08 -29.45 -7.51
C SER A 332 13.06 -30.60 -7.46
N PRO A 333 11.85 -30.37 -6.89
CA PRO A 333 10.88 -31.47 -6.91
C PRO A 333 10.28 -31.72 -8.29
N LEU A 334 10.58 -30.88 -9.27
CA LEU A 334 10.06 -31.07 -10.62
C LEU A 334 10.96 -31.98 -11.44
N LEU A 335 11.94 -32.61 -10.78
CA LEU A 335 12.91 -33.44 -11.47
C LEU A 335 12.78 -34.91 -11.08
N GLY A 355 2.42 -34.44 -13.91
CA GLY A 355 2.33 -35.66 -14.70
C GLY A 355 3.27 -35.65 -15.89
N ASN A 356 2.73 -35.39 -17.07
CA ASN A 356 3.53 -35.32 -18.28
C ASN A 356 4.27 -33.99 -18.39
N PHE A 357 3.81 -33.00 -17.62
CA PHE A 357 4.41 -31.67 -17.61
C PHE A 357 5.88 -31.71 -17.22
N CYS A 358 6.21 -32.52 -16.21
CA CYS A 358 7.57 -32.62 -15.71
C CYS A 358 8.55 -33.15 -16.75
N ASN A 359 8.01 -33.87 -17.73
CA ASN A 359 8.83 -34.39 -18.83
C ASN A 359 9.33 -33.27 -19.74
N ASP A 360 8.42 -32.58 -20.41
CA ASP A 360 8.81 -31.52 -21.34
C ASP A 360 9.31 -30.26 -20.62
N PHE A 361 9.18 -30.23 -19.30
CA PHE A 361 9.80 -29.18 -18.50
C PHE A 361 11.30 -29.39 -18.48
N SER A 362 11.70 -30.61 -18.15
CA SER A 362 13.12 -30.96 -18.07
C SER A 362 13.80 -30.87 -19.43
N LEU A 363 13.06 -31.14 -20.49
CA LEU A 363 13.61 -31.04 -21.83
C LEU A 363 13.83 -29.59 -22.22
N LYS A 364 13.11 -28.68 -21.58
CA LYS A 364 13.25 -27.26 -21.86
C LYS A 364 14.21 -26.57 -20.90
N ILE A 365 14.07 -26.87 -19.61
CA ILE A 365 14.95 -26.29 -18.59
C ILE A 365 16.34 -26.92 -18.65
N GLY A 366 16.41 -28.17 -19.11
CA GLY A 366 17.68 -28.84 -19.30
C GLY A 366 18.39 -28.28 -20.51
N ASN A 367 17.63 -28.05 -21.57
CA ASN A 367 18.16 -27.41 -22.78
C ASN A 367 18.72 -26.04 -22.47
N LEU A 368 18.01 -25.29 -21.61
CA LEU A 368 18.43 -23.94 -21.24
C LEU A 368 19.70 -23.97 -20.40
N ILE A 369 19.84 -24.99 -19.55
CA ILE A 369 21.07 -25.14 -18.75
C ILE A 369 22.30 -25.37 -19.63
N VAL A 370 22.22 -26.35 -20.54
CA VAL A 370 23.37 -26.67 -21.39
C VAL A 370 23.69 -25.53 -22.36
N LEU A 371 22.66 -24.73 -22.70
CA LEU A 371 22.88 -23.56 -23.54
C LEU A 371 23.56 -22.45 -22.76
N THR A 372 23.18 -22.30 -21.49
CA THR A 372 23.82 -21.31 -20.63
C THR A 372 25.27 -21.70 -20.38
N LYS A 373 25.52 -23.01 -20.40
CA LYS A 373 26.86 -23.55 -20.17
C LYS A 373 27.79 -23.14 -21.31
N GLU A 374 27.27 -23.12 -22.52
CA GLU A 374 28.05 -22.74 -23.70
C GLU A 374 28.32 -21.25 -23.73
N LEU A 375 27.49 -20.49 -23.04
CA LEU A 375 27.56 -19.03 -23.08
C LEU A 375 28.43 -18.46 -21.97
N LEU A 376 29.04 -19.36 -21.19
CA LEU A 376 29.84 -18.94 -20.04
C LEU A 376 31.14 -18.18 -20.37
N PRO A 377 31.94 -18.69 -21.32
CA PRO A 377 33.18 -17.95 -21.62
C PRO A 377 32.94 -16.61 -22.33
N SER A 378 31.70 -16.36 -22.76
CA SER A 378 31.37 -15.12 -23.45
C SER A 378 30.90 -14.04 -22.47
N ILE A 379 30.93 -14.34 -21.17
CA ILE A 379 30.58 -13.37 -20.15
C ILE A 379 31.61 -13.35 -19.01
N LYS A 380 32.84 -13.78 -19.31
CA LYS A 380 33.87 -13.85 -18.29
C LYS A 380 34.30 -12.46 -17.83
N THR A 381 34.01 -11.47 -18.65
CA THR A 381 34.33 -10.08 -18.32
C THR A 381 33.34 -9.51 -17.31
N THR A 382 32.22 -10.20 -17.10
CA THR A 382 31.22 -9.77 -16.14
C THR A 382 31.50 -10.30 -14.73
N SER A 383 30.97 -9.60 -13.73
CA SER A 383 31.25 -9.93 -12.34
C SER A 383 30.29 -10.98 -11.79
N TYR A 384 29.47 -11.56 -12.64
CA TYR A 384 28.47 -12.54 -12.21
C TYR A 384 28.51 -13.83 -13.01
N ALA A 385 29.62 -14.08 -13.69
CA ALA A 385 29.78 -15.32 -14.44
C ALA A 385 29.93 -16.50 -13.49
N LYS A 386 30.54 -16.24 -12.33
CA LYS A 386 30.77 -17.27 -11.33
C LYS A 386 29.44 -17.85 -10.83
N LYS A 387 28.50 -16.95 -10.50
CA LYS A 387 27.19 -17.35 -9.97
C LYS A 387 26.40 -18.20 -10.96
N ILE A 388 26.40 -17.77 -12.21
CA ILE A 388 25.68 -18.46 -13.27
C ILE A 388 26.28 -19.84 -13.53
N LYS A 389 27.60 -19.92 -13.50
CA LYS A 389 28.28 -21.20 -13.69
C LYS A 389 27.97 -22.17 -12.54
N LEU A 390 27.73 -21.62 -11.36
CA LEU A 390 27.39 -22.42 -10.19
C LEU A 390 25.97 -22.96 -10.25
N LYS A 391 25.08 -22.22 -10.91
CA LYS A 391 23.70 -22.64 -11.02
C LYS A 391 23.51 -23.76 -12.05
N VAL A 392 24.48 -23.90 -12.95
CA VAL A 392 24.47 -25.04 -13.86
C VAL A 392 25.16 -26.21 -13.21
N LYS A 393 25.96 -25.92 -12.18
CA LYS A 393 26.64 -26.94 -11.41
C LYS A 393 25.65 -27.59 -10.44
N ALA A 394 24.76 -26.78 -9.89
CA ALA A 394 23.75 -27.28 -8.97
C ALA A 394 22.71 -28.12 -9.70
N TYR A 395 22.53 -27.84 -10.98
CA TYR A 395 21.61 -28.61 -11.81
C TYR A 395 22.14 -30.02 -12.05
N ALA A 396 23.45 -30.14 -12.15
CA ALA A 396 24.09 -31.45 -12.32
C ALA A 396 24.04 -32.28 -11.03
N GLU A 397 24.16 -31.59 -9.90
CA GLU A 397 24.10 -32.26 -8.60
C GLU A 397 22.72 -32.85 -8.33
N ALA A 398 21.71 -32.33 -9.02
CA ALA A 398 20.33 -32.79 -8.84
C ALA A 398 19.87 -33.70 -9.97
N THR A 399 20.45 -33.51 -11.15
CA THR A 399 20.10 -34.34 -12.31
C THR A 399 20.63 -35.75 -12.13
N GLY A 400 21.95 -35.91 -12.20
CA GLY A 400 22.58 -37.21 -12.04
C GLY A 400 22.49 -37.74 -10.62
#